data_4YNC
#
_entry.id   4YNC
#
_cell.length_a   141.503
_cell.length_b   141.503
_cell.length_c   42.868
_cell.angle_alpha   90.000
_cell.angle_beta   90.000
_cell.angle_gamma   90.000
#
_symmetry.space_group_name_H-M   'P 43 21 2'
#
loop_
_entity.id
_entity.type
_entity.pdbx_description
1 polymer 'NADPH dehydrogenase 1'
2 non-polymer 'FLAVIN MONONUCLEOTIDE'
3 non-polymer 'methyl (2Z)-3-cyano-3-phenylprop-2-enoate'
4 non-polymer 'CHLORIDE ION'
5 water water
#
_entity_poly.entity_id   1
_entity_poly.type   'polypeptide(L)'
_entity_poly.pdbx_seq_one_letter_code
;SFVKDFKPQALGDTNLFKPIKIGNNELLHRAVIPPLTRMRALHPGNIPNRDWAVEYYTQRAQRPGTMIITEGAFISPQAG
GYDNAPGVWSEEQMVEWTKIFNAIHEKKSFVWVQLAVLGWAAFPDNLARDGLRYDSASDNVFMDAEQEAKAKKANNPQHS
LTKDEIKQYIKEYVQAAKNSIAAGADGVEIHSANGYLLNQFLDPHSNTRTDEYGGSIENRARFTLEVVDALVEAIGHEKV
GLRLSPYGVFNSMSGGAETGIVAQYAYVAGELEKRAKAGKRLAFVHLVEPRVTNPFLTEGEGEYEGGSNDFVYSIWKGPV
IRAGNFALHPEVVREEVKDKRTLIGYGRFFISNPDLVDRLEKGLPLNKYDRDTFYQMSAHGYIDYPTYEEALKLGWD
;
_entity_poly.pdbx_strand_id   A
#
# COMPACT_ATOMS: atom_id res chain seq x y z
N SER A 1 14.17 17.10 -14.74
CA SER A 1 14.74 18.22 -14.00
C SER A 1 14.30 18.19 -12.54
N PHE A 2 14.85 19.10 -11.74
CA PHE A 2 14.49 19.21 -10.33
C PHE A 2 13.18 19.98 -10.17
N VAL A 3 12.46 19.74 -9.08
CA VAL A 3 11.22 20.47 -8.78
C VAL A 3 11.59 21.93 -8.59
N LYS A 4 10.92 22.82 -9.33
CA LYS A 4 11.24 24.23 -9.19
C LYS A 4 10.45 24.84 -8.03
N ASP A 5 11.01 25.87 -7.40
CA ASP A 5 10.36 26.54 -6.29
C ASP A 5 10.45 25.77 -4.96
N PHE A 6 10.65 24.46 -5.03
CA PHE A 6 10.80 23.67 -3.81
C PHE A 6 12.01 24.14 -3.01
N LYS A 7 11.81 24.38 -1.71
CA LYS A 7 12.89 24.79 -0.83
C LYS A 7 13.21 23.66 0.14
N PRO A 8 14.25 22.88 -0.18
CA PRO A 8 14.55 21.69 0.63
C PRO A 8 15.03 22.07 2.02
N GLN A 9 14.86 21.12 2.93
CA GLN A 9 15.31 21.25 4.30
C GLN A 9 16.06 19.96 4.65
N ALA A 10 17.25 20.06 5.22
CA ALA A 10 17.96 18.87 5.70
C ALA A 10 17.22 18.33 6.92
N LEU A 11 16.85 17.06 6.89
CA LEU A 11 16.08 16.46 7.97
C LEU A 11 16.93 15.50 8.80
N GLY A 12 18.24 15.51 8.55
CA GLY A 12 19.18 14.68 9.28
C GLY A 12 19.17 14.88 10.78
N ASP A 13 18.75 16.07 11.22
CA ASP A 13 18.72 16.38 12.65
C ASP A 13 17.40 16.04 13.34
N THR A 14 16.54 15.29 12.64
CA THR A 14 15.24 14.91 13.20
C THR A 14 15.16 13.40 13.40
N ASN A 15 14.09 12.96 14.07
CA ASN A 15 13.85 11.54 14.27
C ASN A 15 13.67 10.74 12.97
N LEU A 16 13.49 11.42 11.84
CA LEU A 16 13.47 10.71 10.56
C LEU A 16 14.75 9.89 10.38
N PHE A 17 15.83 10.34 11.02
CA PHE A 17 17.12 9.64 10.91
C PHE A 17 17.58 8.93 12.19
N LYS A 18 16.59 8.58 13.02
CA LYS A 18 16.84 7.75 14.19
C LYS A 18 16.40 6.33 13.86
N PRO A 19 17.22 5.34 14.21
CA PRO A 19 16.86 3.94 13.93
CA PRO A 19 16.85 3.95 13.92
C PRO A 19 15.58 3.54 14.65
N ILE A 20 14.88 2.53 14.12
CA ILE A 20 13.69 2.02 14.76
C ILE A 20 13.51 0.57 14.32
N LYS A 21 12.94 -0.27 15.20
CA LYS A 21 12.69 -1.65 14.84
C LYS A 21 11.24 -1.81 14.40
N ILE A 22 11.04 -2.41 13.23
CA ILE A 22 9.68 -2.71 12.75
C ILE A 22 9.64 -4.20 12.48
N GLY A 23 8.80 -4.91 13.22
CA GLY A 23 8.78 -6.36 13.13
C GLY A 23 10.18 -6.90 13.47
N ASN A 24 10.72 -7.74 12.60
CA ASN A 24 12.06 -8.28 12.82
C ASN A 24 13.17 -7.39 12.31
N ASN A 25 12.81 -6.25 11.71
CA ASN A 25 13.79 -5.44 10.98
C ASN A 25 14.30 -4.20 11.72
N GLU A 26 15.62 -4.09 11.82
CA GLU A 26 16.25 -2.89 12.37
C GLU A 26 16.44 -1.82 11.29
N LEU A 27 15.42 -0.97 11.13
CA LEU A 27 15.55 0.13 10.19
CA LEU A 27 15.54 0.14 10.19
C LEU A 27 16.58 1.14 10.67
N LEU A 28 17.31 1.75 9.74
CA LEU A 28 18.31 2.75 10.13
C LEU A 28 17.80 4.18 10.00
N HIS A 29 16.59 4.33 9.44
CA HIS A 29 15.95 5.64 9.32
C HIS A 29 14.47 5.34 9.07
N ARG A 30 13.64 6.39 9.15
CA ARG A 30 12.20 6.21 9.17
C ARG A 30 11.50 6.68 7.90
N ALA A 31 12.26 6.80 6.81
CA ALA A 31 11.67 7.08 5.49
C ALA A 31 11.34 5.77 4.81
N VAL A 32 10.05 5.52 4.62
CA VAL A 32 9.56 4.25 4.15
C VAL A 32 9.09 4.38 2.70
N ILE A 33 9.36 3.36 1.88
CA ILE A 33 8.77 3.33 0.55
C ILE A 33 7.40 2.70 0.69
N PRO A 34 6.33 3.48 0.47
CA PRO A 34 5.00 2.88 0.55
C PRO A 34 4.72 2.07 -0.71
N PRO A 35 3.66 1.26 -0.69
CA PRO A 35 3.34 0.44 -1.86
C PRO A 35 3.00 1.30 -3.07
N LEU A 36 3.62 1.01 -4.20
CA LEU A 36 3.43 1.77 -5.43
C LEU A 36 3.30 0.84 -6.63
N THR A 37 2.06 0.66 -7.07
CA THR A 37 1.78 -0.06 -8.31
C THR A 37 2.42 0.64 -9.50
N ARG A 38 3.12 -0.14 -10.34
CA ARG A 38 3.81 0.44 -11.49
C ARG A 38 3.42 -0.20 -12.83
N MET A 39 2.73 -1.34 -12.78
CA MET A 39 2.19 -1.97 -13.99
CA MET A 39 2.20 -1.98 -13.99
C MET A 39 3.26 -2.44 -14.99
N ARG A 40 4.40 -2.91 -14.49
CA ARG A 40 5.41 -3.48 -15.38
C ARG A 40 5.35 -5.01 -15.40
N ALA A 41 4.44 -5.61 -14.64
CA ALA A 41 4.36 -7.08 -14.66
C ALA A 41 3.84 -7.52 -16.03
N LEU A 42 4.26 -8.71 -16.43
CA LEU A 42 3.98 -9.19 -17.77
C LEU A 42 2.86 -10.21 -17.83
N HIS A 43 2.11 -10.17 -18.93
CA HIS A 43 0.99 -11.06 -19.21
C HIS A 43 1.48 -12.08 -20.24
N PRO A 44 1.05 -13.35 -20.10
CA PRO A 44 0.10 -13.83 -19.10
C PRO A 44 0.80 -14.22 -17.80
N GLY A 45 0.01 -14.33 -16.73
CA GLY A 45 0.49 -14.89 -15.49
C GLY A 45 0.86 -13.89 -14.41
N ASN A 46 0.68 -12.60 -14.70
CA ASN A 46 0.96 -11.55 -13.71
C ASN A 46 2.37 -11.69 -13.14
N ILE A 47 3.37 -11.78 -14.02
CA ILE A 47 4.74 -12.07 -13.62
C ILE A 47 5.53 -10.79 -13.37
N PRO A 48 6.15 -10.66 -12.18
CA PRO A 48 7.01 -9.49 -11.95
C PRO A 48 7.99 -9.32 -13.11
N ASN A 49 8.22 -8.08 -13.53
CA ASN A 49 8.96 -7.82 -14.76
C ASN A 49 10.37 -8.42 -14.78
N ARG A 50 10.59 -9.32 -15.73
CA ARG A 50 11.82 -10.10 -15.82
C ARG A 50 13.03 -9.26 -16.20
N ASP A 51 12.79 -8.12 -16.83
CA ASP A 51 13.87 -7.26 -17.31
C ASP A 51 14.29 -6.17 -16.33
N TRP A 52 13.33 -5.60 -15.59
CA TRP A 52 13.59 -4.34 -14.91
C TRP A 52 13.25 -4.31 -13.41
N ALA A 53 12.44 -5.24 -12.93
CA ALA A 53 11.94 -5.10 -11.55
C ALA A 53 13.06 -5.22 -10.50
N VAL A 54 13.99 -6.14 -10.70
CA VAL A 54 15.11 -6.26 -9.78
C VAL A 54 15.88 -4.94 -9.71
N GLU A 55 16.17 -4.35 -10.86
CA GLU A 55 16.91 -3.07 -10.90
CA GLU A 55 16.92 -3.08 -10.88
C GLU A 55 16.15 -1.95 -10.20
N TYR A 56 14.84 -1.89 -10.45
CA TYR A 56 13.99 -0.87 -9.83
C TYR A 56 14.07 -0.90 -8.31
N TYR A 57 13.88 -2.09 -7.75
CA TYR A 57 13.96 -2.25 -6.30
C TYR A 57 15.39 -2.11 -5.77
N THR A 58 16.37 -2.56 -6.54
CA THR A 58 17.76 -2.42 -6.10
C THR A 58 18.12 -0.95 -5.95
N GLN A 59 17.75 -0.15 -6.94
CA GLN A 59 17.98 1.29 -6.89
C GLN A 59 17.39 1.90 -5.63
N ARG A 60 16.15 1.51 -5.31
CA ARG A 60 15.42 2.14 -4.22
C ARG A 60 15.76 1.55 -2.85
N ALA A 61 16.53 0.47 -2.86
CA ALA A 61 17.06 -0.13 -1.63
C ALA A 61 18.45 0.42 -1.27
N GLN A 62 18.96 1.36 -2.06
CA GLN A 62 20.38 1.74 -1.98
C GLN A 62 20.80 2.29 -0.62
N ARG A 63 19.90 2.99 0.06
CA ARG A 63 20.24 3.48 1.40
C ARG A 63 20.10 2.33 2.40
N PRO A 64 21.20 1.98 3.07
CA PRO A 64 21.09 0.83 3.95
C PRO A 64 20.00 1.02 5.01
N GLY A 65 19.30 -0.07 5.32
CA GLY A 65 18.32 -0.07 6.38
C GLY A 65 16.99 0.60 6.05
N THR A 66 16.65 0.61 4.76
CA THR A 66 15.38 1.18 4.30
C THR A 66 14.29 0.13 4.31
N MET A 67 13.12 0.47 4.85
CA MET A 67 11.95 -0.39 4.72
C MET A 67 11.21 -0.12 3.42
N ILE A 68 11.07 -1.16 2.59
CA ILE A 68 10.36 -1.06 1.31
C ILE A 68 9.10 -1.92 1.38
N ILE A 69 7.97 -1.31 1.07
CA ILE A 69 6.73 -2.07 0.90
C ILE A 69 6.50 -2.20 -0.61
N THR A 70 6.30 -3.42 -1.09
CA THR A 70 6.17 -3.63 -2.53
C THR A 70 4.89 -3.03 -3.09
N GLU A 71 4.89 -2.81 -4.39
CA GLU A 71 3.64 -2.65 -5.13
C GLU A 71 2.64 -3.71 -4.69
N GLY A 72 1.35 -3.40 -4.73
CA GLY A 72 0.34 -4.39 -4.44
C GLY A 72 0.53 -5.65 -5.28
N ALA A 73 0.39 -6.80 -4.62
CA ALA A 73 0.52 -8.08 -5.30
C ALA A 73 -0.74 -8.91 -5.09
N PHE A 74 -1.36 -9.36 -6.17
CA PHE A 74 -2.59 -10.12 -6.08
C PHE A 74 -2.36 -11.46 -5.39
N ILE A 75 -3.27 -11.81 -4.49
CA ILE A 75 -3.15 -13.08 -3.76
C ILE A 75 -3.61 -14.30 -4.57
N SER A 76 -4.35 -14.07 -5.65
CA SER A 76 -4.92 -15.15 -6.45
C SER A 76 -5.44 -14.56 -7.76
N PRO A 77 -5.69 -15.41 -8.77
CA PRO A 77 -6.31 -14.85 -9.98
C PRO A 77 -7.64 -14.12 -9.69
N GLN A 78 -8.50 -14.69 -8.86
CA GLN A 78 -9.78 -14.07 -8.54
C GLN A 78 -9.60 -12.69 -7.87
N ALA A 79 -8.48 -12.51 -7.19
CA ALA A 79 -8.19 -11.24 -6.52
C ALA A 79 -7.69 -10.14 -7.48
N GLY A 80 -7.37 -10.53 -8.71
CA GLY A 80 -6.77 -9.62 -9.67
C GLY A 80 -7.72 -8.96 -10.65
N GLY A 81 -7.25 -8.77 -11.88
CA GLY A 81 -8.04 -8.08 -12.87
C GLY A 81 -7.29 -6.99 -13.65
N TYR A 82 -6.03 -6.77 -13.29
CA TYR A 82 -5.14 -5.91 -14.07
C TYR A 82 -4.06 -6.82 -14.62
N ASP A 83 -3.90 -6.86 -15.93
CA ASP A 83 -2.96 -7.80 -16.54
C ASP A 83 -1.49 -7.51 -16.20
N ASN A 84 -1.18 -6.26 -15.85
CA ASN A 84 0.22 -5.88 -15.66
C ASN A 84 0.61 -5.55 -14.22
N ALA A 85 -0.20 -5.97 -13.26
CA ALA A 85 0.17 -5.95 -11.85
C ALA A 85 0.56 -7.38 -11.45
N PRO A 86 1.55 -7.53 -10.57
CA PRO A 86 2.03 -8.87 -10.25
C PRO A 86 1.18 -9.63 -9.24
N GLY A 87 1.31 -10.94 -9.25
CA GLY A 87 0.72 -11.79 -8.24
C GLY A 87 1.78 -12.46 -7.38
N VAL A 88 1.33 -13.12 -6.32
CA VAL A 88 2.17 -13.92 -5.43
C VAL A 88 1.54 -15.28 -5.13
N TRP A 89 0.87 -15.86 -6.12
CA TRP A 89 0.27 -17.17 -5.93
C TRP A 89 0.99 -18.31 -6.67
N SER A 90 1.81 -17.97 -7.66
CA SER A 90 2.39 -19.01 -8.54
C SER A 90 3.90 -19.18 -8.40
N GLU A 91 4.37 -20.36 -8.75
CA GLU A 91 5.80 -20.62 -8.73
C GLU A 91 6.54 -19.67 -9.67
N GLU A 92 5.99 -19.44 -10.86
CA GLU A 92 6.66 -18.56 -11.81
CA GLU A 92 6.60 -18.56 -11.84
C GLU A 92 6.77 -17.12 -11.30
N GLN A 93 5.76 -16.68 -10.55
CA GLN A 93 5.83 -15.36 -9.91
C GLN A 93 6.90 -15.36 -8.83
N MET A 94 6.91 -16.38 -7.99
CA MET A 94 7.84 -16.38 -6.86
C MET A 94 9.30 -16.47 -7.29
N VAL A 95 9.56 -17.08 -8.44
CA VAL A 95 10.92 -17.08 -8.97
C VAL A 95 11.45 -15.65 -9.12
N GLU A 96 10.61 -14.76 -9.63
CA GLU A 96 11.01 -13.37 -9.82
C GLU A 96 11.04 -12.59 -8.51
N TRP A 97 10.06 -12.83 -7.63
CA TRP A 97 10.04 -12.16 -6.35
C TRP A 97 11.28 -12.51 -5.53
N THR A 98 11.70 -13.77 -5.59
CA THR A 98 12.89 -14.19 -4.85
C THR A 98 14.11 -13.37 -5.27
N LYS A 99 14.26 -13.16 -6.57
CA LYS A 99 15.37 -12.35 -7.08
C LYS A 99 15.28 -10.92 -6.54
N ILE A 100 14.07 -10.39 -6.48
CA ILE A 100 13.83 -9.04 -5.99
C ILE A 100 14.17 -8.93 -4.50
N PHE A 101 13.68 -9.88 -3.70
CA PHE A 101 13.95 -9.86 -2.25
C PHE A 101 15.45 -10.02 -1.97
N ASN A 102 16.10 -10.91 -2.71
CA ASN A 102 17.55 -11.08 -2.55
C ASN A 102 18.31 -9.78 -2.84
N ALA A 103 17.92 -9.07 -3.89
CA ALA A 103 18.63 -7.85 -4.26
C ALA A 103 18.45 -6.78 -3.19
N ILE A 104 17.24 -6.67 -2.65
CA ILE A 104 16.97 -5.70 -1.59
C ILE A 104 17.81 -6.00 -0.35
N HIS A 105 17.86 -7.28 0.01
CA HIS A 105 18.64 -7.71 1.16
C HIS A 105 20.14 -7.55 0.95
N GLU A 106 20.61 -7.70 -0.28
CA GLU A 106 22.03 -7.47 -0.58
CA GLU A 106 22.03 -7.49 -0.53
C GLU A 106 22.42 -6.03 -0.28
N LYS A 107 21.45 -5.12 -0.45
CA LYS A 107 21.67 -3.70 -0.16
C LYS A 107 21.41 -3.37 1.31
N LYS A 108 21.14 -4.39 2.11
CA LYS A 108 20.96 -4.26 3.56
C LYS A 108 19.67 -3.51 3.90
N SER A 109 18.70 -3.63 3.00
CA SER A 109 17.38 -3.06 3.25
C SER A 109 16.34 -4.19 3.42
N PHE A 110 15.07 -3.82 3.59
CA PHE A 110 14.04 -4.76 3.99
C PHE A 110 12.84 -4.64 3.06
N VAL A 111 12.07 -5.73 2.95
CA VAL A 111 10.98 -5.76 2.00
C VAL A 111 9.74 -6.46 2.57
N TRP A 112 8.62 -5.75 2.49
CA TRP A 112 7.33 -6.24 2.94
C TRP A 112 6.40 -6.29 1.74
N VAL A 113 5.76 -7.43 1.51
CA VAL A 113 4.86 -7.57 0.35
C VAL A 113 3.47 -7.06 0.69
N GLN A 114 2.97 -6.10 -0.09
CA GLN A 114 1.58 -5.72 0.10
C GLN A 114 0.66 -6.71 -0.61
N LEU A 115 -0.30 -7.26 0.13
CA LEU A 115 -1.24 -8.24 -0.41
C LEU A 115 -2.51 -7.53 -0.85
N ALA A 116 -2.84 -7.66 -2.14
CA ALA A 116 -3.88 -6.87 -2.77
C ALA A 116 -5.03 -7.73 -3.30
N VAL A 117 -6.24 -7.20 -3.14
CA VAL A 117 -7.46 -7.81 -3.68
C VAL A 117 -8.33 -6.66 -4.19
N LEU A 118 -8.65 -6.68 -5.48
CA LEU A 118 -9.24 -5.52 -6.13
C LEU A 118 -10.72 -5.23 -5.85
N GLY A 119 -11.53 -6.26 -5.69
CA GLY A 119 -12.97 -6.02 -5.62
C GLY A 119 -13.43 -5.21 -6.82
N TRP A 120 -14.25 -4.20 -6.57
CA TRP A 120 -14.90 -3.48 -7.66
C TRP A 120 -13.98 -2.60 -8.52
N ALA A 121 -12.73 -2.46 -8.10
CA ALA A 121 -11.76 -1.73 -8.90
C ALA A 121 -11.19 -2.54 -10.08
N ALA A 122 -11.41 -3.86 -10.08
CA ALA A 122 -10.93 -4.70 -11.16
C ALA A 122 -11.64 -4.41 -12.48
N PHE A 123 -11.03 -4.83 -13.58
CA PHE A 123 -11.68 -4.72 -14.89
C PHE A 123 -12.53 -5.98 -15.15
N PRO A 124 -13.86 -5.81 -15.20
CA PRO A 124 -14.75 -6.97 -15.35
C PRO A 124 -14.53 -7.76 -16.63
N ASP A 125 -14.01 -7.13 -17.68
CA ASP A 125 -13.77 -7.83 -18.94
C ASP A 125 -12.56 -8.75 -18.87
N ASN A 126 -11.50 -8.31 -18.20
CA ASN A 126 -10.35 -9.18 -17.97
C ASN A 126 -10.77 -10.41 -17.17
N LEU A 127 -11.56 -10.17 -16.13
CA LEU A 127 -12.02 -11.26 -15.27
C LEU A 127 -12.88 -12.25 -16.04
N ALA A 128 -13.79 -11.72 -16.85
CA ALA A 128 -14.68 -12.56 -17.66
C ALA A 128 -13.87 -13.42 -18.63
N ARG A 129 -12.89 -12.79 -19.27
CA ARG A 129 -12.00 -13.50 -20.18
C ARG A 129 -11.37 -14.71 -19.50
N ASP A 130 -11.02 -14.55 -18.22
CA ASP A 130 -10.34 -15.59 -17.46
C ASP A 130 -11.27 -16.50 -16.67
N GLY A 131 -12.58 -16.32 -16.84
CA GLY A 131 -13.57 -17.16 -16.19
C GLY A 131 -13.77 -16.83 -14.72
N LEU A 132 -13.51 -15.58 -14.36
CA LEU A 132 -13.55 -15.17 -12.96
C LEU A 132 -14.70 -14.20 -12.68
N ARG A 133 -15.12 -14.15 -11.42
CA ARG A 133 -16.19 -13.24 -10.99
C ARG A 133 -15.70 -11.79 -10.92
N TYR A 134 -16.65 -10.86 -10.92
CA TYR A 134 -16.39 -9.46 -10.61
C TYR A 134 -17.00 -9.25 -9.22
N ASP A 135 -16.13 -9.11 -8.21
CA ASP A 135 -16.52 -9.19 -6.80
C ASP A 135 -16.58 -7.87 -6.07
N SER A 136 -17.49 -7.78 -5.12
CA SER A 136 -17.47 -6.71 -4.12
C SER A 136 -18.22 -7.13 -2.86
N ALA A 137 -18.39 -6.20 -1.93
CA ALA A 137 -19.18 -6.44 -0.74
C ALA A 137 -20.66 -6.62 -1.09
N SER A 138 -21.14 -5.77 -1.99
CA SER A 138 -22.56 -5.70 -2.32
C SER A 138 -22.77 -5.83 -3.81
N ASP A 139 -24.03 -5.90 -4.23
CA ASP A 139 -24.33 -5.99 -5.66
C ASP A 139 -25.28 -4.92 -6.14
N ASN A 140 -25.53 -3.91 -5.31
CA ASN A 140 -26.51 -2.90 -5.65
C ASN A 140 -25.96 -1.49 -5.57
N VAL A 141 -24.66 -1.38 -5.36
CA VAL A 141 -23.94 -0.12 -5.45
C VAL A 141 -22.65 -0.40 -6.18
N PHE A 142 -22.25 0.52 -7.05
CA PHE A 142 -21.12 0.29 -7.93
C PHE A 142 -20.10 1.41 -7.84
N MET A 143 -18.88 1.11 -8.26
CA MET A 143 -17.80 2.08 -8.19
C MET A 143 -18.12 3.32 -9.02
N ASP A 144 -18.50 3.10 -10.27
CA ASP A 144 -19.01 4.18 -11.09
C ASP A 144 -19.84 3.59 -12.21
N ALA A 145 -20.46 4.45 -13.02
CA ALA A 145 -21.36 3.98 -14.07
C ALA A 145 -20.62 3.19 -15.13
N GLU A 146 -19.38 3.56 -15.37
CA GLU A 146 -18.56 2.91 -16.39
C GLU A 146 -18.24 1.47 -15.99
N GLN A 147 -17.83 1.28 -14.75
CA GLN A 147 -17.55 -0.06 -14.24
C GLN A 147 -18.82 -0.92 -14.26
N GLU A 148 -19.95 -0.36 -13.82
CA GLU A 148 -21.21 -1.09 -13.84
C GLU A 148 -21.56 -1.52 -15.27
N ALA A 149 -21.35 -0.63 -16.22
CA ALA A 149 -21.63 -0.92 -17.62
C ALA A 149 -20.69 -1.98 -18.20
N LYS A 150 -19.39 -1.87 -17.90
CA LYS A 150 -18.42 -2.84 -18.38
CA LYS A 150 -18.41 -2.84 -18.37
C LYS A 150 -18.76 -4.24 -17.87
N ALA A 151 -19.21 -4.33 -16.62
CA ALA A 151 -19.57 -5.60 -16.03
C ALA A 151 -20.76 -6.23 -16.75
N LYS A 152 -21.76 -5.41 -17.06
CA LYS A 152 -22.95 -5.94 -17.72
C LYS A 152 -22.63 -6.36 -19.15
N LYS A 153 -21.88 -5.53 -19.85
CA LYS A 153 -21.44 -5.84 -21.21
C LYS A 153 -20.64 -7.14 -21.28
N ALA A 154 -19.91 -7.45 -20.22
CA ALA A 154 -19.06 -8.63 -20.19
C ALA A 154 -19.80 -9.83 -19.60
N ASN A 155 -21.09 -9.65 -19.33
CA ASN A 155 -21.90 -10.70 -18.71
C ASN A 155 -21.26 -11.13 -17.40
N ASN A 156 -20.70 -10.15 -16.71
CA ASN A 156 -20.00 -10.41 -15.47
C ASN A 156 -20.39 -9.38 -14.42
N PRO A 157 -21.68 -9.38 -14.05
CA PRO A 157 -22.24 -8.36 -13.14
C PRO A 157 -21.56 -8.39 -11.78
N GLN A 158 -21.51 -7.23 -11.13
CA GLN A 158 -20.92 -7.17 -9.80
C GLN A 158 -21.63 -8.13 -8.86
N HIS A 159 -20.83 -8.92 -8.17
CA HIS A 159 -21.32 -10.03 -7.35
C HIS A 159 -21.01 -9.79 -5.88
N SER A 160 -22.03 -9.90 -5.04
CA SER A 160 -21.86 -9.80 -3.59
C SER A 160 -21.34 -11.12 -3.04
N LEU A 161 -20.18 -11.09 -2.40
CA LEU A 161 -19.54 -12.31 -1.94
C LEU A 161 -20.37 -13.09 -0.95
N THR A 162 -20.42 -14.40 -1.13
CA THR A 162 -20.99 -15.26 -0.10
C THR A 162 -19.97 -15.44 1.01
N LYS A 163 -20.44 -15.94 2.16
CA LYS A 163 -19.55 -16.23 3.27
C LYS A 163 -18.47 -17.24 2.88
N ASP A 164 -18.84 -18.24 2.10
CA ASP A 164 -17.87 -19.23 1.65
CA ASP A 164 -17.87 -19.23 1.65
C ASP A 164 -16.80 -18.62 0.77
N GLU A 165 -17.20 -17.68 -0.08
CA GLU A 165 -16.26 -16.98 -0.96
C GLU A 165 -15.32 -16.06 -0.16
N ILE A 166 -15.82 -15.49 0.92
CA ILE A 166 -14.98 -14.72 1.82
C ILE A 166 -13.91 -15.65 2.45
N LYS A 167 -14.34 -16.83 2.91
CA LYS A 167 -13.41 -17.81 3.46
C LYS A 167 -12.35 -18.23 2.44
N GLN A 168 -12.75 -18.35 1.18
CA GLN A 168 -11.81 -18.70 0.12
C GLN A 168 -10.74 -17.60 -0.05
N TYR A 169 -11.17 -16.34 -0.04
CA TYR A 169 -10.20 -15.25 -0.10
C TYR A 169 -9.25 -15.32 1.09
N ILE A 170 -9.79 -15.60 2.28
CA ILE A 170 -8.96 -15.69 3.46
C ILE A 170 -7.91 -16.79 3.28
N LYS A 171 -8.33 -17.95 2.74
CA LYS A 171 -7.39 -19.03 2.44
C LYS A 171 -6.27 -18.54 1.53
N GLU A 172 -6.64 -17.75 0.53
CA GLU A 172 -5.68 -17.22 -0.44
C GLU A 172 -4.74 -16.18 0.18
N TYR A 173 -5.27 -15.34 1.06
CA TYR A 173 -4.41 -14.44 1.83
C TYR A 173 -3.36 -15.22 2.62
N VAL A 174 -3.80 -16.27 3.29
CA VAL A 174 -2.89 -17.10 4.08
C VAL A 174 -1.80 -17.70 3.20
N GLN A 175 -2.21 -18.27 2.07
CA GLN A 175 -1.22 -18.87 1.19
C GLN A 175 -0.27 -17.86 0.57
N ALA A 176 -0.80 -16.68 0.22
CA ALA A 176 0.04 -15.63 -0.34
C ALA A 176 1.06 -15.13 0.67
N ALA A 177 0.63 -15.00 1.93
CA ALA A 177 1.55 -14.59 2.98
C ALA A 177 2.65 -15.63 3.16
N LYS A 178 2.25 -16.91 3.21
CA LYS A 178 3.23 -17.99 3.31
C LYS A 178 4.22 -17.95 2.15
N ASN A 179 3.70 -17.78 0.93
CA ASN A 179 4.54 -17.74 -0.26
C ASN A 179 5.57 -16.62 -0.14
N SER A 180 5.10 -15.47 0.31
CA SER A 180 5.95 -14.29 0.42
C SER A 180 7.11 -14.51 1.40
N ILE A 181 6.79 -15.06 2.57
CA ILE A 181 7.81 -15.35 3.57
C ILE A 181 8.79 -16.42 3.07
N ALA A 182 8.26 -17.46 2.43
CA ALA A 182 9.12 -18.54 1.93
C ALA A 182 10.10 -18.07 0.86
N ALA A 183 9.70 -17.08 0.08
CA ALA A 183 10.54 -16.53 -0.97
C ALA A 183 11.57 -15.53 -0.44
N GLY A 184 11.46 -15.19 0.85
CA GLY A 184 12.44 -14.33 1.48
C GLY A 184 11.96 -12.97 1.99
N ALA A 185 10.68 -12.67 1.83
CA ALA A 185 10.20 -11.38 2.34
C ALA A 185 10.28 -11.28 3.87
N ASP A 186 10.41 -10.04 4.35
CA ASP A 186 10.48 -9.80 5.79
C ASP A 186 9.12 -9.75 6.47
N GLY A 187 8.06 -9.55 5.69
CA GLY A 187 6.72 -9.48 6.23
C GLY A 187 5.75 -9.17 5.12
N VAL A 188 4.49 -9.00 5.47
CA VAL A 188 3.46 -8.59 4.53
C VAL A 188 2.65 -7.43 5.08
N GLU A 189 2.09 -6.63 4.17
CA GLU A 189 1.14 -5.60 4.56
C GLU A 189 -0.22 -5.96 3.99
N ILE A 190 -1.23 -6.08 4.85
CA ILE A 190 -2.58 -6.31 4.40
C ILE A 190 -3.15 -4.97 3.91
N HIS A 191 -3.46 -4.90 2.62
CA HIS A 191 -4.06 -3.69 2.07
C HIS A 191 -5.54 -3.62 2.42
N SER A 192 -5.92 -2.67 3.26
CA SER A 192 -7.32 -2.49 3.59
C SER A 192 -7.72 -1.03 3.34
N ALA A 193 -7.05 -0.43 2.36
CA ALA A 193 -7.18 0.99 2.04
C ALA A 193 -7.53 1.23 0.57
N ASN A 194 -7.65 2.51 0.23
CA ASN A 194 -7.75 3.00 -1.14
C ASN A 194 -8.90 2.43 -1.96
N GLY A 195 -9.93 1.95 -1.28
CA GLY A 195 -11.15 1.53 -1.97
C GLY A 195 -11.09 0.19 -2.66
N TYR A 196 -10.12 -0.64 -2.30
CA TYR A 196 -10.08 -2.01 -2.81
C TYR A 196 -10.96 -2.92 -1.95
N LEU A 197 -10.88 -4.25 -2.11
CA LEU A 197 -11.95 -5.10 -1.58
C LEU A 197 -12.20 -4.95 -0.07
N LEU A 198 -11.15 -5.03 0.73
CA LEU A 198 -11.34 -4.92 2.17
C LEU A 198 -11.94 -3.55 2.54
N ASN A 199 -11.48 -2.48 1.88
CA ASN A 199 -12.02 -1.16 2.10
CA ASN A 199 -12.03 -1.16 2.12
C ASN A 199 -13.50 -1.11 1.69
N GLN A 200 -13.86 -1.83 0.63
CA GLN A 200 -15.26 -1.90 0.20
C GLN A 200 -16.16 -2.52 1.27
N PHE A 201 -15.61 -3.43 2.07
CA PHE A 201 -16.34 -3.95 3.23
C PHE A 201 -16.38 -2.94 4.39
N LEU A 202 -15.29 -2.23 4.63
CA LEU A 202 -15.28 -1.27 5.74
C LEU A 202 -16.24 -0.10 5.58
N ASP A 203 -16.47 0.30 4.33
CA ASP A 203 -17.17 1.55 4.04
C ASP A 203 -18.67 1.33 3.87
N PRO A 204 -19.49 2.12 4.59
CA PRO A 204 -20.94 1.91 4.48
C PRO A 204 -21.55 2.31 3.13
N HIS A 205 -20.83 3.07 2.31
CA HIS A 205 -21.34 3.36 0.98
C HIS A 205 -21.31 2.11 0.13
N SER A 206 -20.18 1.40 0.17
CA SER A 206 -19.99 0.24 -0.68
C SER A 206 -20.48 -1.05 -0.04
N ASN A 207 -20.72 -1.02 1.26
CA ASN A 207 -21.19 -2.20 1.98
C ASN A 207 -22.62 -2.00 2.49
N THR A 208 -23.57 -2.57 1.74
CA THR A 208 -24.99 -2.52 2.08
C THR A 208 -25.49 -3.89 2.51
N ARG A 209 -24.57 -4.77 2.92
CA ARG A 209 -24.94 -6.11 3.33
C ARG A 209 -25.75 -6.09 4.61
N THR A 210 -26.57 -7.11 4.77
CA THR A 210 -27.38 -7.24 5.98
C THR A 210 -27.04 -8.51 6.75
N ASP A 211 -26.00 -9.21 6.32
CA ASP A 211 -25.51 -10.36 7.08
C ASP A 211 -24.43 -9.92 8.08
N GLU A 212 -23.66 -10.88 8.60
CA GLU A 212 -22.68 -10.57 9.62
C GLU A 212 -21.50 -9.74 9.11
N TYR A 213 -21.43 -9.53 7.80
CA TYR A 213 -20.32 -8.77 7.24
C TYR A 213 -20.70 -7.34 6.89
N GLY A 214 -21.91 -6.92 7.26
CA GLY A 214 -22.31 -5.55 7.03
C GLY A 214 -23.36 -5.05 8.01
N GLY A 215 -23.67 -3.77 7.94
CA GLY A 215 -24.79 -3.23 8.70
C GLY A 215 -24.45 -2.66 10.06
N SER A 216 -23.18 -2.73 10.44
CA SER A 216 -22.72 -2.13 11.68
C SER A 216 -21.22 -1.95 11.61
N ILE A 217 -20.66 -1.21 12.55
CA ILE A 217 -19.21 -0.99 12.60
C ILE A 217 -18.47 -2.32 12.75
N GLU A 218 -18.90 -3.13 13.69
CA GLU A 218 -18.25 -4.40 13.96
CA GLU A 218 -18.19 -4.38 13.93
C GLU A 218 -18.35 -5.34 12.76
N ASN A 219 -19.52 -5.34 12.13
CA ASN A 219 -19.74 -6.22 10.98
C ASN A 219 -18.92 -5.78 9.78
N ARG A 220 -18.85 -4.47 9.53
CA ARG A 220 -18.08 -3.98 8.38
C ARG A 220 -16.59 -4.25 8.55
N ALA A 221 -16.12 -4.31 9.80
CA ALA A 221 -14.72 -4.57 10.07
C ALA A 221 -14.37 -6.06 10.09
N ARG A 222 -15.39 -6.91 10.01
CA ARG A 222 -15.18 -8.34 10.25
C ARG A 222 -14.17 -8.99 9.30
N PHE A 223 -14.33 -8.74 8.00
CA PHE A 223 -13.47 -9.36 6.97
C PHE A 223 -12.01 -8.92 7.20
N THR A 224 -11.76 -7.62 7.32
CA THR A 224 -10.42 -7.12 7.57
C THR A 224 -9.77 -7.77 8.79
N LEU A 225 -10.52 -7.87 9.89
CA LEU A 225 -9.97 -8.46 11.10
C LEU A 225 -9.77 -9.97 10.98
N GLU A 226 -10.60 -10.64 10.19
CA GLU A 226 -10.41 -12.06 9.97
CA GLU A 226 -10.43 -12.06 9.93
C GLU A 226 -9.13 -12.30 9.17
N VAL A 227 -8.83 -11.42 8.23
CA VAL A 227 -7.58 -11.53 7.49
C VAL A 227 -6.40 -11.26 8.42
N VAL A 228 -6.50 -10.22 9.25
CA VAL A 228 -5.46 -9.95 10.23
C VAL A 228 -5.21 -11.19 11.09
N ASP A 229 -6.28 -11.76 11.63
CA ASP A 229 -6.11 -12.89 12.54
C ASP A 229 -5.56 -14.13 11.82
N ALA A 230 -6.01 -14.37 10.60
CA ALA A 230 -5.52 -15.53 9.84
C ALA A 230 -4.03 -15.41 9.53
N LEU A 231 -3.57 -14.20 9.21
CA LEU A 231 -2.16 -14.02 8.88
C LEU A 231 -1.27 -14.02 10.11
N VAL A 232 -1.75 -13.44 11.20
CA VAL A 232 -1.02 -13.48 12.46
C VAL A 232 -0.81 -14.94 12.85
N GLU A 233 -1.83 -15.77 12.69
CA GLU A 233 -1.70 -17.19 13.01
CA GLU A 233 -1.71 -17.19 13.00
C GLU A 233 -0.72 -17.88 12.08
N ALA A 234 -0.78 -17.55 10.79
CA ALA A 234 0.02 -18.24 9.79
C ALA A 234 1.50 -17.90 9.85
N ILE A 235 1.85 -16.62 9.96
CA ILE A 235 3.23 -16.21 9.86
C ILE A 235 3.74 -15.35 11.02
N GLY A 236 2.86 -15.03 11.97
CA GLY A 236 3.24 -14.29 13.16
C GLY A 236 2.93 -12.80 13.09
N HIS A 237 2.52 -12.22 14.22
CA HIS A 237 2.19 -10.79 14.26
C HIS A 237 3.36 -9.88 13.89
N GLU A 238 4.58 -10.32 14.19
CA GLU A 238 5.75 -9.52 13.89
C GLU A 238 6.03 -9.42 12.38
N LYS A 239 5.31 -10.19 11.57
CA LYS A 239 5.49 -10.20 10.13
CA LYS A 239 5.50 -10.15 10.12
C LYS A 239 4.27 -9.61 9.40
N VAL A 240 3.39 -8.94 10.15
CA VAL A 240 2.15 -8.47 9.56
C VAL A 240 1.87 -7.01 9.93
N GLY A 241 1.58 -6.19 8.92
CA GLY A 241 1.10 -4.83 9.11
C GLY A 241 -0.23 -4.63 8.40
N LEU A 242 -0.91 -3.51 8.68
CA LEU A 242 -2.21 -3.22 8.09
C LEU A 242 -2.25 -1.80 7.57
N ARG A 243 -2.74 -1.62 6.33
CA ARG A 243 -2.85 -0.27 5.76
C ARG A 243 -4.31 0.18 5.67
N LEU A 244 -4.55 1.42 6.13
CA LEU A 244 -5.89 2.02 6.14
C LEU A 244 -5.84 3.44 5.62
N SER A 245 -6.95 3.90 5.05
CA SER A 245 -7.06 5.27 4.56
C SER A 245 -8.40 5.87 4.98
N PRO A 246 -8.51 6.28 6.24
CA PRO A 246 -9.82 6.67 6.78
C PRO A 246 -10.54 7.74 5.95
N TYR A 247 -9.78 8.69 5.42
CA TYR A 247 -10.36 9.83 4.72
C TYR A 247 -10.29 9.71 3.21
N GLY A 248 -9.88 8.55 2.72
CA GLY A 248 -9.77 8.38 1.26
C GLY A 248 -11.10 8.41 0.54
N VAL A 249 -11.10 9.00 -0.66
CA VAL A 249 -12.28 8.92 -1.53
C VAL A 249 -12.01 8.19 -2.85
N PHE A 250 -10.74 7.90 -3.12
CA PHE A 250 -10.36 7.12 -4.30
C PHE A 250 -11.14 5.81 -4.35
N ASN A 251 -11.57 5.44 -5.55
CA ASN A 251 -12.34 4.22 -5.77
C ASN A 251 -13.72 4.25 -5.09
N SER A 252 -14.23 5.47 -4.94
CA SER A 252 -15.60 5.72 -4.48
C SER A 252 -15.84 5.35 -3.03
N MET A 253 -14.83 5.58 -2.19
CA MET A 253 -15.01 5.46 -0.75
C MET A 253 -15.59 6.78 -0.18
N SER A 254 -16.09 6.73 1.04
CA SER A 254 -16.88 7.84 1.58
C SER A 254 -16.08 9.05 2.03
N GLY A 255 -14.94 8.81 2.67
CA GLY A 255 -14.17 9.88 3.29
C GLY A 255 -14.95 10.57 4.40
N GLY A 256 -14.53 11.80 4.70
CA GLY A 256 -15.10 12.56 5.81
C GLY A 256 -16.57 12.92 5.69
N ALA A 257 -17.11 12.86 4.47
CA ALA A 257 -18.54 13.11 4.28
C ALA A 257 -19.40 12.13 5.07
N GLU A 258 -18.84 10.95 5.35
CA GLU A 258 -19.52 9.96 6.18
C GLU A 258 -19.21 10.26 7.64
N THR A 259 -20.22 10.70 8.38
CA THR A 259 -20.01 11.11 9.77
C THR A 259 -19.56 9.97 10.67
N GLY A 260 -19.81 8.73 10.25
CA GLY A 260 -19.39 7.58 11.04
C GLY A 260 -18.02 7.06 10.68
N ILE A 261 -17.29 7.78 9.82
CA ILE A 261 -16.05 7.22 9.29
C ILE A 261 -14.97 7.11 10.36
N VAL A 262 -14.83 8.12 11.21
CA VAL A 262 -13.81 8.03 12.26
C VAL A 262 -14.12 6.87 13.22
N ALA A 263 -15.39 6.69 13.58
CA ALA A 263 -15.75 5.57 14.46
C ALA A 263 -15.39 4.22 13.83
N GLN A 264 -15.62 4.08 12.53
CA GLN A 264 -15.34 2.83 11.85
C GLN A 264 -13.86 2.48 11.97
N TYR A 265 -13.00 3.48 11.77
CA TYR A 265 -11.56 3.25 11.80
C TYR A 265 -11.03 3.17 13.23
N ALA A 266 -11.63 3.94 14.14
CA ALA A 266 -11.29 3.87 15.55
C ALA A 266 -11.59 2.46 16.09
N TYR A 267 -12.67 1.86 15.62
CA TYR A 267 -12.98 0.49 16.03
C TYR A 267 -11.89 -0.48 15.59
N VAL A 268 -11.45 -0.38 14.33
CA VAL A 268 -10.38 -1.25 13.84
C VAL A 268 -9.10 -1.07 14.65
N ALA A 269 -8.69 0.18 14.88
CA ALA A 269 -7.50 0.44 15.68
C ALA A 269 -7.64 -0.15 17.08
N GLY A 270 -8.83 -0.03 17.66
CA GLY A 270 -9.08 -0.56 18.99
C GLY A 270 -8.93 -2.05 19.03
N GLU A 271 -9.46 -2.73 18.01
CA GLU A 271 -9.35 -4.18 17.94
C GLU A 271 -7.90 -4.63 17.76
N LEU A 272 -7.11 -3.87 17.01
CA LEU A 272 -5.68 -4.14 16.91
C LEU A 272 -4.97 -3.95 18.24
N GLU A 273 -5.30 -2.89 18.98
CA GLU A 273 -4.64 -2.67 20.27
C GLU A 273 -5.04 -3.77 21.27
N LYS A 274 -6.29 -4.22 21.19
CA LYS A 274 -6.75 -5.29 22.06
C LYS A 274 -5.90 -6.54 21.84
N ARG A 275 -5.68 -6.88 20.59
CA ARG A 275 -4.83 -8.02 20.23
C ARG A 275 -3.40 -7.81 20.69
N ALA A 276 -2.89 -6.59 20.57
CA ALA A 276 -1.53 -6.26 21.01
C ALA A 276 -1.38 -6.47 22.50
N LYS A 277 -2.35 -5.98 23.26
CA LYS A 277 -2.30 -6.11 24.71
C LYS A 277 -2.43 -7.58 25.12
N ALA A 278 -3.07 -8.39 24.30
CA ALA A 278 -3.19 -9.83 24.54
C ALA A 278 -2.01 -10.61 23.96
N GLY A 279 -0.98 -9.91 23.52
CA GLY A 279 0.29 -10.54 23.17
C GLY A 279 0.60 -10.70 21.69
N LYS A 280 -0.25 -10.16 20.84
CA LYS A 280 -0.05 -10.26 19.39
C LYS A 280 -0.16 -8.89 18.74
N ARG A 281 0.88 -8.08 18.92
CA ARG A 281 0.91 -6.74 18.34
C ARG A 281 1.40 -6.74 16.90
N LEU A 282 0.60 -6.21 15.98
CA LEU A 282 1.06 -6.08 14.60
C LEU A 282 2.34 -5.26 14.52
N ALA A 283 3.16 -5.53 13.50
CA ALA A 283 4.39 -4.79 13.31
C ALA A 283 4.17 -3.27 13.14
N PHE A 284 3.08 -2.92 12.47
CA PHE A 284 2.77 -1.51 12.24
C PHE A 284 1.35 -1.33 11.74
N VAL A 285 0.85 -0.10 11.88
CA VAL A 285 -0.34 0.37 11.17
C VAL A 285 0.15 1.46 10.22
N HIS A 286 -0.28 1.37 8.96
CA HIS A 286 0.13 2.31 7.93
C HIS A 286 -1.11 3.10 7.54
N LEU A 287 -1.02 4.42 7.65
CA LEU A 287 -2.17 5.28 7.36
C LEU A 287 -1.88 6.20 6.19
N VAL A 288 -2.84 6.32 5.28
CA VAL A 288 -2.81 7.39 4.29
C VAL A 288 -3.43 8.62 4.93
N GLU A 289 -2.77 9.77 4.79
CA GLU A 289 -3.23 10.99 5.43
C GLU A 289 -4.37 11.66 4.65
N PRO A 290 -5.19 12.44 5.35
CA PRO A 290 -6.20 13.24 4.63
C PRO A 290 -5.56 14.31 3.73
N ARG A 291 -4.23 14.45 3.82
CA ARG A 291 -3.47 15.32 2.93
C ARG A 291 -3.63 14.88 1.48
N VAL A 292 -3.92 13.60 1.28
CA VAL A 292 -4.08 13.03 -0.07
C VAL A 292 -5.26 12.07 -0.04
N THR A 293 -6.42 12.54 -0.48
CA THR A 293 -7.62 11.68 -0.51
C THR A 293 -7.70 10.88 -1.80
N ASN A 294 -6.88 11.26 -2.78
CA ASN A 294 -6.81 10.58 -4.07
C ASN A 294 -5.39 10.78 -4.61
N PRO A 295 -4.62 9.68 -4.72
CA PRO A 295 -3.20 9.81 -5.05
C PRO A 295 -2.91 10.11 -6.51
N PHE A 296 -3.98 10.21 -7.32
CA PHE A 296 -3.82 10.59 -8.71
C PHE A 296 -4.14 12.05 -8.97
N LEU A 297 -4.36 12.79 -7.89
CA LEU A 297 -4.43 14.25 -7.98
C LEU A 297 -3.08 14.84 -7.54
N THR A 298 -2.65 15.89 -8.23
CA THR A 298 -1.41 16.59 -7.94
C THR A 298 -1.35 17.01 -6.48
N GLU A 299 -0.14 16.98 -5.90
CA GLU A 299 0.06 17.37 -4.51
C GLU A 299 -0.61 18.70 -4.21
N GLY A 300 -1.39 18.74 -3.14
CA GLY A 300 -2.11 19.95 -2.78
C GLY A 300 -3.58 19.89 -3.14
N GLU A 301 -3.91 19.06 -4.12
CA GLU A 301 -5.30 18.85 -4.54
C GLU A 301 -5.93 17.71 -3.77
N GLY A 302 -7.26 17.76 -3.63
CA GLY A 302 -7.95 16.70 -2.92
C GLY A 302 -7.54 16.57 -1.46
N GLU A 303 -7.08 17.67 -0.85
N GLU A 303 -7.09 17.69 -0.88
CA GLU A 303 -6.73 17.64 0.57
CA GLU A 303 -6.84 17.72 0.54
C GLU A 303 -7.93 17.94 1.46
C GLU A 303 -8.17 17.74 1.26
N TYR A 304 -8.26 17.01 2.36
CA TYR A 304 -9.41 17.14 3.24
C TYR A 304 -8.93 17.80 4.53
N GLU A 305 -9.48 18.96 4.84
CA GLU A 305 -9.03 19.69 6.02
C GLU A 305 -9.93 19.48 7.24
N GLY A 306 -10.98 18.70 7.08
CA GLY A 306 -11.94 18.54 8.15
C GLY A 306 -11.71 17.30 9.00
N GLY A 307 -10.56 16.67 8.84
CA GLY A 307 -10.25 15.50 9.63
C GLY A 307 -8.76 15.29 9.82
N SER A 308 -8.40 14.59 10.88
CA SER A 308 -7.02 14.24 11.22
C SER A 308 -6.95 12.76 11.54
N ASN A 309 -5.82 12.14 11.24
CA ASN A 309 -5.56 10.76 11.67
C ASN A 309 -5.05 10.69 13.10
N ASP A 310 -4.91 11.82 13.78
CA ASP A 310 -4.31 11.81 15.12
C ASP A 310 -5.05 10.89 16.08
N PHE A 311 -6.36 10.73 15.87
CA PHE A 311 -7.17 9.84 16.72
C PHE A 311 -6.55 8.46 16.86
N VAL A 312 -5.91 7.96 15.80
CA VAL A 312 -5.37 6.60 15.86
C VAL A 312 -4.34 6.46 16.99
N TYR A 313 -3.60 7.52 17.25
CA TYR A 313 -2.56 7.49 18.27
C TYR A 313 -3.10 7.36 19.70
N SER A 314 -4.35 7.77 19.90
CA SER A 314 -4.98 7.62 21.21
C SER A 314 -5.38 6.16 21.44
N ILE A 315 -5.38 5.37 20.38
CA ILE A 315 -5.92 4.02 20.44
C ILE A 315 -4.84 2.95 20.22
N TRP A 316 -4.24 2.98 19.05
CA TRP A 316 -3.15 2.06 18.72
C TRP A 316 -1.84 2.62 19.25
N LYS A 317 -1.09 1.78 19.96
CA LYS A 317 0.12 2.25 20.63
C LYS A 317 1.41 1.75 20.03
N GLY A 318 1.32 1.15 18.84
CA GLY A 318 2.52 0.68 18.14
C GLY A 318 3.01 1.63 17.08
N PRO A 319 3.93 1.17 16.22
CA PRO A 319 4.45 2.05 15.18
C PRO A 319 3.34 2.46 14.19
N VAL A 320 3.42 3.70 13.73
CA VAL A 320 2.50 4.23 12.73
C VAL A 320 3.30 4.82 11.57
N ILE A 321 3.06 4.32 10.36
CA ILE A 321 3.63 4.91 9.15
C ILE A 321 2.58 5.84 8.58
N ARG A 322 2.94 7.09 8.29
CA ARG A 322 1.99 8.03 7.67
CA ARG A 322 2.01 8.06 7.69
C ARG A 322 2.48 8.42 6.28
N ALA A 323 1.57 8.41 5.31
CA ALA A 323 1.94 8.77 3.94
C ALA A 323 0.99 9.81 3.36
N GLY A 324 1.52 10.75 2.59
CA GLY A 324 0.68 11.66 1.83
C GLY A 324 1.23 13.08 1.75
N ASN A 325 1.81 13.40 0.60
CA ASN A 325 2.35 14.73 0.30
C ASN A 325 3.36 15.21 1.35
N PHE A 326 4.27 14.33 1.75
CA PHE A 326 5.29 14.74 2.72
C PHE A 326 6.62 15.18 2.09
N ALA A 327 6.89 14.75 0.86
CA ALA A 327 8.18 15.07 0.23
C ALA A 327 8.35 16.57 0.03
N LEU A 328 7.27 17.22 -0.37
CA LEU A 328 7.32 18.66 -0.63
C LEU A 328 7.09 19.47 0.63
N HIS A 329 6.97 18.79 1.77
CA HIS A 329 6.63 19.45 3.03
C HIS A 329 7.47 18.99 4.21
N PRO A 330 8.79 19.22 4.12
CA PRO A 330 9.69 18.85 5.22
C PRO A 330 9.32 19.54 6.52
N GLU A 331 8.69 20.72 6.44
CA GLU A 331 8.28 21.44 7.62
C GLU A 331 7.19 20.67 8.39
N VAL A 332 6.36 19.91 7.66
CA VAL A 332 5.35 19.09 8.31
C VAL A 332 5.98 17.82 8.88
N VAL A 333 6.86 17.20 8.10
CA VAL A 333 7.56 16.01 8.57
C VAL A 333 8.34 16.30 9.85
N ARG A 334 9.02 17.45 9.89
CA ARG A 334 9.79 17.85 11.06
C ARG A 334 8.93 17.82 12.32
N GLU A 335 7.67 18.24 12.20
CA GLU A 335 6.78 18.21 13.35
C GLU A 335 6.25 16.81 13.64
N GLU A 336 5.84 16.08 12.61
CA GLU A 336 5.26 14.75 12.83
CA GLU A 336 5.27 14.75 12.80
C GLU A 336 6.24 13.76 13.45
N VAL A 337 7.51 13.81 13.05
CA VAL A 337 8.47 12.82 13.55
C VAL A 337 8.94 13.09 14.97
N LYS A 338 8.53 14.22 15.54
CA LYS A 338 8.74 14.44 16.96
C LYS A 338 8.07 13.36 17.79
N ASP A 339 7.00 12.77 17.25
CA ASP A 339 6.44 11.58 17.86
C ASP A 339 7.36 10.40 17.57
N LYS A 340 7.74 9.69 18.62
CA LYS A 340 8.83 8.72 18.52
C LYS A 340 8.46 7.38 17.92
N ARG A 341 7.19 7.18 17.56
CA ARG A 341 6.81 5.94 16.90
C ARG A 341 6.20 6.20 15.52
N THR A 342 6.51 7.38 14.97
CA THR A 342 6.02 7.78 13.65
C THR A 342 7.09 7.62 12.56
N LEU A 343 6.72 6.92 11.48
CA LEU A 343 7.53 6.81 10.27
C LEU A 343 6.80 7.52 9.14
N ILE A 344 7.53 7.91 8.11
CA ILE A 344 6.94 8.67 7.00
C ILE A 344 7.12 7.90 5.69
N GLY A 345 6.01 7.61 5.03
CA GLY A 345 6.06 7.02 3.69
C GLY A 345 6.08 8.10 2.62
N TYR A 346 7.00 7.93 1.68
CA TYR A 346 7.14 8.87 0.57
C TYR A 346 6.90 8.10 -0.72
N GLY A 347 5.79 8.39 -1.40
CA GLY A 347 5.39 7.62 -2.56
C GLY A 347 5.89 8.16 -3.88
N ARG A 348 5.19 9.16 -4.42
CA ARG A 348 5.52 9.67 -5.75
C ARG A 348 6.97 10.12 -5.90
N PHE A 349 7.53 10.73 -4.87
CA PHE A 349 8.92 11.15 -4.98
C PHE A 349 9.97 10.04 -4.79
N PHE A 350 9.55 8.89 -4.27
CA PHE A 350 10.41 7.71 -4.33
C PHE A 350 10.37 7.09 -5.73
N ILE A 351 9.28 7.30 -6.47
CA ILE A 351 9.26 6.90 -7.87
C ILE A 351 10.37 7.64 -8.61
N SER A 352 10.48 8.96 -8.39
CA SER A 352 11.38 9.77 -9.17
C SER A 352 12.77 9.98 -8.57
N ASN A 353 12.95 9.59 -7.30
CA ASN A 353 14.26 9.76 -6.64
C ASN A 353 14.73 8.46 -6.00
N PRO A 354 15.55 7.69 -6.71
CA PRO A 354 15.96 6.41 -6.10
C PRO A 354 16.78 6.63 -4.82
N ASP A 355 17.49 7.75 -4.77
CA ASP A 355 18.27 8.12 -3.59
C ASP A 355 17.53 9.15 -2.72
N LEU A 356 16.21 9.00 -2.61
CA LEU A 356 15.42 9.98 -1.86
C LEU A 356 15.92 10.14 -0.43
N VAL A 357 16.34 9.05 0.21
CA VAL A 357 16.72 9.14 1.62
C VAL A 357 17.91 10.08 1.81
N ASP A 358 18.93 9.94 0.97
CA ASP A 358 20.08 10.86 1.00
C ASP A 358 19.61 12.31 0.83
N ARG A 359 18.69 12.53 -0.10
CA ARG A 359 18.20 13.87 -0.38
C ARG A 359 17.42 14.47 0.80
N LEU A 360 16.70 13.63 1.52
CA LEU A 360 15.97 14.08 2.71
C LEU A 360 16.94 14.41 3.83
N GLU A 361 17.93 13.56 4.04
CA GLU A 361 18.93 13.80 5.10
C GLU A 361 19.65 15.12 4.86
N LYS A 362 20.07 15.32 3.62
CA LYS A 362 21.01 16.40 3.28
C LYS A 362 20.34 17.66 2.73
N GLY A 363 19.01 17.64 2.57
CA GLY A 363 18.31 18.82 2.06
C GLY A 363 18.61 19.15 0.61
N LEU A 364 18.59 18.14 -0.24
CA LEU A 364 18.92 18.29 -1.65
C LEU A 364 17.66 18.49 -2.49
N PRO A 365 17.83 19.05 -3.70
CA PRO A 365 16.71 19.19 -4.65
C PRO A 365 16.14 17.82 -4.99
N LEU A 366 14.87 17.80 -5.38
CA LEU A 366 14.20 16.54 -5.73
C LEU A 366 13.96 16.47 -7.23
N ASN A 367 14.16 15.29 -7.82
CA ASN A 367 13.76 15.10 -9.21
C ASN A 367 12.25 15.21 -9.33
N LYS A 368 11.78 15.98 -10.31
CA LYS A 368 10.37 15.98 -10.68
CA LYS A 368 10.37 15.99 -10.69
C LYS A 368 9.98 14.58 -11.12
N TYR A 369 8.73 14.19 -10.86
CA TYR A 369 8.25 12.92 -11.35
C TYR A 369 7.49 13.14 -12.66
N ASP A 370 7.38 12.06 -13.44
CA ASP A 370 6.62 12.07 -14.69
C ASP A 370 5.43 11.16 -14.54
N ARG A 371 4.26 11.74 -14.28
CA ARG A 371 3.08 10.93 -13.99
CA ARG A 371 3.03 10.98 -14.03
C ARG A 371 2.70 10.04 -15.17
N ASP A 372 3.06 10.45 -16.39
CA ASP A 372 2.71 9.69 -17.58
C ASP A 372 3.29 8.29 -17.56
N THR A 373 4.41 8.12 -16.88
CA THR A 373 5.06 6.81 -16.83
C THR A 373 4.88 6.09 -15.49
N PHE A 374 4.00 6.59 -14.62
CA PHE A 374 3.65 5.86 -13.39
C PHE A 374 3.21 4.44 -13.73
N TYR A 375 2.29 4.33 -14.68
CA TYR A 375 1.86 3.06 -15.22
C TYR A 375 2.26 3.10 -16.68
N GLN A 376 3.16 2.23 -17.07
CA GLN A 376 3.64 2.17 -18.45
C GLN A 376 4.47 0.92 -18.53
N MET A 377 4.48 0.26 -19.69
CA MET A 377 5.33 -0.91 -19.85
C MET A 377 6.67 -0.46 -20.38
N SER A 378 7.47 0.15 -19.51
CA SER A 378 8.73 0.73 -19.95
C SER A 378 9.75 0.84 -18.82
N ALA A 379 11.03 0.75 -19.18
CA ALA A 379 12.11 1.08 -18.29
C ALA A 379 12.13 2.59 -18.09
N HIS A 380 11.79 3.33 -19.14
CA HIS A 380 11.70 4.78 -19.04
C HIS A 380 10.67 5.19 -17.99
N GLY A 381 11.07 6.09 -17.09
CA GLY A 381 10.19 6.50 -16.01
C GLY A 381 10.05 5.46 -14.92
N TYR A 382 10.93 4.47 -14.94
CA TYR A 382 10.92 3.37 -13.97
C TYR A 382 12.31 3.22 -13.37
N ILE A 383 13.31 2.94 -14.22
CA ILE A 383 14.68 2.72 -13.74
C ILE A 383 15.70 3.74 -14.27
N ASP A 384 15.23 4.79 -14.92
CA ASP A 384 16.14 5.79 -15.46
C ASP A 384 16.02 7.18 -14.84
N TYR A 385 15.39 7.26 -13.68
CA TYR A 385 15.49 8.50 -12.90
C TYR A 385 16.88 8.51 -12.24
N PRO A 386 17.58 9.65 -12.31
CA PRO A 386 18.96 9.68 -11.80
C PRO A 386 19.07 9.90 -10.29
N THR A 387 20.16 9.43 -9.70
CA THR A 387 20.55 9.85 -8.37
C THR A 387 20.96 11.31 -8.45
N TYR A 388 21.17 11.93 -7.30
CA TYR A 388 21.55 13.34 -7.29
C TYR A 388 22.89 13.55 -8.03
N GLU A 389 23.83 12.62 -7.84
CA GLU A 389 25.12 12.68 -8.51
C GLU A 389 24.93 12.65 -10.03
N GLU A 390 24.13 11.69 -10.48
CA GLU A 390 23.86 11.53 -11.91
C GLU A 390 23.13 12.75 -12.46
N ALA A 391 22.23 13.32 -11.67
CA ALA A 391 21.50 14.51 -12.08
C ALA A 391 22.43 15.71 -12.27
N LEU A 392 23.37 15.88 -11.36
CA LEU A 392 24.35 16.96 -11.51
C LEU A 392 25.18 16.77 -12.78
N LYS A 393 25.56 15.53 -13.06
CA LYS A 393 26.36 15.25 -14.24
C LYS A 393 25.57 15.53 -15.52
N LEU A 394 24.26 15.37 -15.45
CA LEU A 394 23.38 15.67 -16.59
C LEU A 394 23.09 17.16 -16.71
N GLY A 395 23.58 17.93 -15.75
CA GLY A 395 23.40 19.37 -15.76
C GLY A 395 22.07 19.87 -15.20
N TRP A 396 21.40 19.04 -14.41
CA TRP A 396 20.06 19.39 -13.93
C TRP A 396 20.04 20.59 -13.00
N ASP A 397 21.18 20.92 -12.41
CA ASP A 397 21.28 22.08 -11.54
C ASP A 397 21.18 23.37 -12.36
#